data_3ONG
#
_entry.id   3ONG
#
_cell.length_a   38.465
_cell.length_b   134.038
_cell.length_c   62.012
_cell.angle_alpha   90.00
_cell.angle_beta   94.44
_cell.angle_gamma   90.00
#
_symmetry.space_group_name_H-M   'P 1 21 1'
#
loop_
_entity.id
_entity.type
_entity.pdbx_description
1 polymer 'Ubiquitin-activating enzyme E1-like'
2 polymer 'SUMO-conjugating enzyme UBC9'
3 water water
#
loop_
_entity_poly.entity_id
_entity_poly.type
_entity_poly.pdbx_seq_one_letter_code
_entity_poly.pdbx_strand_id
1 'polypeptide(L)'
;GSSKVCRGVIKLSSDCLNKMKLSDFVVLIREKYSYPQDISLLDASNQRLLFDYDFEDLNDRTLSEINLGNGSIILFSDEE
GDTMIRKAIELFLDVDDELPCNTCSLPDVEVPLIKANNSPSKNEEEE
;
A,C
2 'polypeptide(L)'
;GSMSSLCLQRLQEERKKWRKDHPFGFYAKPVKKADGSMDLQKWEAGIPGKEGTNWAGGVYPITVEYPNEYPSKPPKVKFP
AGFYHPNVYPSGTICLSILNEDQDWRPAITLKQIVLGVQDLLDSPNPNSPAQEPAWRSFSRNKAEYDKKVLLQAKQYSK
;
B,D
#
# COMPACT_ATOMS: atom_id res chain seq x y z
N SER A 3 7.74 -4.23 2.68
CA SER A 3 8.96 -4.93 3.19
C SER A 3 8.91 -6.46 3.07
N LYS A 4 7.69 -7.02 3.10
CA LYS A 4 7.50 -8.47 3.00
C LYS A 4 7.27 -8.92 1.55
N VAL A 5 8.01 -8.30 0.64
CA VAL A 5 7.95 -8.65 -0.78
C VAL A 5 9.35 -8.42 -1.35
N CYS A 6 9.87 -9.43 -2.05
CA CYS A 6 11.18 -9.30 -2.68
C CYS A 6 11.11 -8.30 -3.81
N ARG A 7 12.22 -7.61 -4.05
CA ARG A 7 12.28 -6.53 -5.04
C ARG A 7 13.60 -6.54 -5.79
N GLY A 8 13.52 -6.31 -7.09
CA GLY A 8 14.71 -6.21 -7.93
C GLY A 8 14.45 -5.40 -9.20
N VAL A 9 15.53 -4.89 -9.78
CA VAL A 9 15.48 -4.14 -11.03
C VAL A 9 15.99 -5.00 -12.19
N ILE A 10 15.17 -5.19 -13.22
CA ILE A 10 15.62 -5.83 -14.46
C ILE A 10 16.19 -4.78 -15.40
N LYS A 11 17.37 -5.06 -15.96
CA LYS A 11 17.94 -4.20 -16.99
C LYS A 11 17.64 -4.81 -18.35
N LEU A 12 17.01 -4.01 -19.21
CA LEU A 12 16.51 -4.46 -20.49
C LEU A 12 17.11 -3.65 -21.62
N SER A 13 17.30 -4.29 -22.75
CA SER A 13 17.54 -3.58 -23.99
C SER A 13 16.22 -3.02 -24.50
N SER A 14 16.30 -1.90 -25.23
CA SER A 14 15.16 -1.34 -25.95
C SER A 14 14.61 -2.42 -26.88
N ASP A 15 15.49 -2.95 -27.73
CA ASP A 15 15.27 -4.13 -28.57
C ASP A 15 14.43 -5.23 -27.92
N CYS A 16 14.68 -5.46 -26.63
CA CYS A 16 14.14 -6.63 -25.93
C CYS A 16 12.67 -6.47 -25.52
N LEU A 17 12.25 -5.24 -25.28
CA LEU A 17 10.88 -4.97 -24.83
C LEU A 17 9.83 -5.25 -25.91
N ASN A 18 10.22 -5.09 -27.18
CA ASN A 18 9.31 -5.30 -28.32
C ASN A 18 9.37 -6.70 -28.93
N LYS A 19 10.35 -7.50 -28.51
CA LYS A 19 10.55 -8.83 -29.08
C LYS A 19 10.39 -9.95 -28.05
N MET A 20 10.33 -9.55 -26.77
CA MET A 20 10.23 -10.47 -25.63
C MET A 20 8.80 -10.96 -25.46
N LYS A 21 8.56 -12.23 -25.77
CA LYS A 21 7.24 -12.82 -25.55
C LYS A 21 6.97 -13.10 -24.06
N LEU A 22 5.75 -12.76 -23.62
CA LEU A 22 5.30 -12.99 -22.25
C LEU A 22 5.64 -14.41 -21.78
N SER A 23 5.28 -15.39 -22.60
CA SER A 23 5.57 -16.81 -22.38
C SER A 23 7.04 -17.07 -22.02
N ASP A 24 7.98 -16.47 -22.77
CA ASP A 24 9.41 -16.62 -22.53
C ASP A 24 9.80 -15.92 -21.21
N PHE A 25 9.25 -14.73 -21.00
CA PHE A 25 9.51 -13.91 -19.82
C PHE A 25 9.18 -14.68 -18.54
N VAL A 26 8.00 -15.30 -18.51
CA VAL A 26 7.56 -16.15 -17.40
C VAL A 26 8.52 -17.32 -17.13
N VAL A 27 9.01 -17.96 -18.19
CA VAL A 27 9.99 -19.05 -18.07
C VAL A 27 11.29 -18.56 -17.43
N LEU A 28 11.77 -17.40 -17.89
CA LEU A 28 13.01 -16.80 -17.37
C LEU A 28 12.91 -16.53 -15.88
N ILE A 29 11.84 -15.86 -15.48
CA ILE A 29 11.60 -15.49 -14.07
C ILE A 29 11.40 -16.73 -13.19
N ARG A 30 10.53 -17.65 -13.60
CA ARG A 30 10.31 -18.91 -12.87
C ARG A 30 11.62 -19.64 -12.58
N GLU A 31 12.47 -19.77 -13.61
CA GLU A 31 13.74 -20.47 -13.50
C GLU A 31 14.79 -19.75 -12.65
N LYS A 32 14.88 -18.43 -12.79
CA LYS A 32 15.84 -17.65 -12.01
C LYS A 32 15.65 -17.84 -10.51
N TYR A 33 14.40 -17.74 -10.05
CA TYR A 33 14.11 -17.66 -8.62
C TYR A 33 13.46 -18.90 -8.02
N SER A 34 13.29 -19.95 -8.84
CA SER A 34 12.74 -21.25 -8.41
C SER A 34 11.26 -21.22 -8.00
N TYR A 35 10.45 -20.51 -8.78
CA TYR A 35 8.99 -20.58 -8.64
C TYR A 35 8.47 -21.92 -9.16
N PRO A 36 7.28 -22.34 -8.70
CA PRO A 36 6.78 -23.62 -9.20
C PRO A 36 6.11 -23.49 -10.57
N GLN A 37 5.44 -24.54 -11.02
CA GLN A 37 4.74 -24.55 -12.29
C GLN A 37 3.64 -23.49 -12.35
N ASP A 38 2.74 -23.51 -11.38
CA ASP A 38 1.62 -22.58 -11.32
C ASP A 38 2.05 -21.25 -10.70
N ILE A 39 2.06 -20.22 -11.54
CA ILE A 39 2.44 -18.88 -11.12
C ILE A 39 1.39 -17.89 -11.62
N SER A 40 1.41 -16.67 -11.09
CA SER A 40 0.59 -15.57 -11.60
C SER A 40 1.43 -14.32 -11.76
N LEU A 41 1.15 -13.54 -12.81
CA LEU A 41 1.92 -12.35 -13.12
C LEU A 41 1.03 -11.12 -13.22
N LEU A 42 1.26 -10.17 -12.31
CA LEU A 42 0.49 -8.94 -12.26
C LEU A 42 1.30 -7.76 -12.74
N ASP A 43 0.62 -6.79 -13.37
CA ASP A 43 1.17 -5.45 -13.50
C ASP A 43 0.89 -4.79 -12.15
N ALA A 44 1.93 -4.66 -11.33
CA ALA A 44 1.79 -4.17 -9.96
C ALA A 44 1.37 -2.70 -9.87
N SER A 45 1.73 -1.90 -10.87
CA SER A 45 1.46 -0.45 -10.85
C SER A 45 -0.02 -0.09 -11.03
N ASN A 46 -0.67 -0.67 -12.03
CA ASN A 46 -2.10 -0.47 -12.24
C ASN A 46 -2.94 -1.70 -11.90
N GLN A 47 -2.28 -2.76 -11.46
CA GLN A 47 -2.95 -3.95 -10.87
C GLN A 47 -3.80 -4.75 -11.85
N ARG A 48 -3.19 -5.07 -13.00
CA ARG A 48 -3.82 -5.90 -14.03
C ARG A 48 -3.27 -7.30 -13.89
N LEU A 49 -4.13 -8.30 -14.08
CA LEU A 49 -3.66 -9.68 -14.16
C LEU A 49 -3.30 -9.97 -15.62
N LEU A 50 -2.01 -10.23 -15.84
CA LEU A 50 -1.47 -10.39 -17.19
C LEU A 50 -1.39 -11.85 -17.63
N PHE A 51 -1.14 -12.74 -16.67
CA PHE A 51 -0.90 -14.16 -16.96
C PHE A 51 -1.01 -15.00 -15.70
N ASP A 52 -1.62 -16.18 -15.82
CA ASP A 52 -1.48 -17.23 -14.81
C ASP A 52 -1.75 -18.63 -15.39
N TYR A 53 -1.61 -19.64 -14.55
CA TYR A 53 -1.83 -21.06 -14.90
C TYR A 53 -3.10 -21.30 -15.73
N ASP A 54 -4.01 -20.33 -15.71
CA ASP A 54 -5.30 -20.49 -16.36
C ASP A 54 -5.62 -19.37 -17.35
N PHE A 55 -5.12 -18.17 -17.09
CA PHE A 55 -5.32 -17.03 -17.97
C PHE A 55 -4.10 -16.90 -18.88
N GLU A 56 -4.26 -17.37 -20.11
CA GLU A 56 -3.15 -17.43 -21.07
C GLU A 56 -3.49 -16.72 -22.38
N ASP A 57 -4.43 -15.78 -22.32
CA ASP A 57 -4.82 -14.99 -23.49
C ASP A 57 -3.66 -14.17 -24.07
N LEU A 58 -2.80 -13.68 -23.18
CA LEU A 58 -1.70 -12.79 -23.57
C LEU A 58 -0.38 -13.54 -23.79
N ASN A 59 -0.40 -14.85 -23.58
CA ASN A 59 0.72 -15.77 -23.79
C ASN A 59 1.68 -15.42 -24.93
N ASP A 60 1.11 -15.15 -26.11
CA ASP A 60 1.91 -14.97 -27.33
C ASP A 60 2.40 -13.53 -27.55
N ARG A 61 1.84 -12.58 -26.80
CA ARG A 61 2.15 -11.17 -26.94
C ARG A 61 3.55 -10.81 -26.45
N THR A 62 4.13 -9.77 -27.04
CA THR A 62 5.42 -9.23 -26.58
C THR A 62 5.17 -8.29 -25.41
N LEU A 63 6.20 -8.04 -24.61
CA LEU A 63 6.09 -7.17 -23.43
C LEU A 63 5.47 -5.81 -23.76
N SER A 64 5.79 -5.29 -24.94
CA SER A 64 5.23 -4.03 -25.41
C SER A 64 3.74 -4.16 -25.76
N GLU A 65 3.36 -5.31 -26.31
CA GLU A 65 1.97 -5.58 -26.71
C GLU A 65 1.00 -5.75 -25.52
N ILE A 66 1.55 -5.86 -24.31
CA ILE A 66 0.74 -5.89 -23.09
C ILE A 66 0.96 -4.63 -22.23
N ASN A 67 1.42 -3.57 -22.89
CA ASN A 67 1.59 -2.23 -22.28
C ASN A 67 2.62 -2.09 -21.15
N LEU A 68 3.53 -3.05 -21.04
CA LEU A 68 4.65 -2.90 -20.11
C LEU A 68 5.76 -2.10 -20.78
N GLY A 69 6.39 -1.19 -20.03
CA GLY A 69 7.49 -0.39 -20.55
C GLY A 69 8.49 0.02 -19.50
N ASN A 70 9.33 1.00 -19.83
CA ASN A 70 10.30 1.55 -18.89
C ASN A 70 9.57 2.13 -17.68
N GLY A 71 9.94 1.66 -16.50
CA GLY A 71 9.30 2.09 -15.26
C GLY A 71 8.16 1.21 -14.81
N SER A 72 7.79 0.19 -15.59
CA SER A 72 6.76 -0.76 -15.18
C SER A 72 7.25 -1.66 -14.05
N ILE A 73 6.34 -2.01 -13.14
CA ILE A 73 6.65 -2.93 -12.05
C ILE A 73 5.75 -4.14 -12.13
N ILE A 74 6.35 -5.32 -12.02
CA ILE A 74 5.69 -6.60 -12.17
C ILE A 74 5.68 -7.33 -10.84
N LEU A 75 4.60 -8.09 -10.60
CA LEU A 75 4.51 -8.92 -9.41
C LEU A 75 4.35 -10.37 -9.86
N PHE A 76 5.28 -11.20 -9.41
CA PHE A 76 5.31 -12.61 -9.76
C PHE A 76 5.06 -13.38 -8.49
N SER A 77 4.03 -14.22 -8.48
CA SER A 77 3.67 -14.96 -7.28
C SER A 77 3.59 -16.46 -7.49
N ASP A 78 3.93 -17.22 -6.46
CA ASP A 78 3.72 -18.66 -6.40
C ASP A 78 2.22 -18.95 -6.22
N GLU A 79 1.65 -19.67 -7.17
CA GLU A 79 0.22 -20.03 -7.12
C GLU A 79 -0.08 -21.53 -7.10
N GLU A 80 0.75 -22.31 -6.41
CA GLU A 80 0.55 -23.76 -6.36
C GLU A 80 -0.25 -24.27 -5.16
N GLY A 81 -0.49 -23.40 -4.18
CA GLY A 81 -1.28 -23.75 -3.00
C GLY A 81 -0.67 -24.80 -2.11
N ASP A 82 0.66 -24.80 -1.98
CA ASP A 82 1.39 -25.71 -1.10
C ASP A 82 1.45 -25.19 0.34
N THR A 83 2.03 -26.00 1.23
CA THR A 83 2.33 -25.57 2.60
C THR A 83 3.38 -24.45 2.56
N MET A 84 4.47 -24.68 1.83
CA MET A 84 5.50 -23.68 1.62
C MET A 84 5.29 -22.99 0.26
N ILE A 85 5.25 -21.66 0.27
CA ILE A 85 5.22 -20.89 -0.99
C ILE A 85 6.50 -20.10 -1.17
N ARG A 86 6.97 -20.03 -2.41
CA ARG A 86 8.07 -19.16 -2.75
C ARG A 86 7.58 -17.71 -2.75
N LYS A 87 8.22 -16.87 -1.94
CA LYS A 87 7.82 -15.49 -1.76
C LYS A 87 7.65 -14.76 -3.10
N ALA A 88 6.66 -13.88 -3.16
CA ALA A 88 6.42 -13.06 -4.34
C ALA A 88 7.56 -12.07 -4.55
N ILE A 89 7.73 -11.65 -5.80
CA ILE A 89 8.75 -10.67 -6.15
C ILE A 89 8.20 -9.59 -7.08
N GLU A 90 8.53 -8.35 -6.76
CA GLU A 90 8.30 -7.23 -7.66
C GLU A 90 9.56 -6.96 -8.46
N LEU A 91 9.39 -6.88 -9.77
CA LEU A 91 10.47 -6.63 -10.68
C LEU A 91 10.22 -5.32 -11.40
N PHE A 92 11.14 -4.37 -11.25
CA PHE A 92 11.10 -3.08 -11.91
C PHE A 92 11.72 -3.23 -13.29
N LEU A 93 11.09 -2.64 -14.29
CA LEU A 93 11.58 -2.73 -15.66
C LEU A 93 12.29 -1.45 -16.11
N ASP A 94 13.60 -1.42 -15.89
CA ASP A 94 14.44 -0.31 -16.31
C ASP A 94 15.13 -0.69 -17.62
N VAL A 95 14.62 -0.16 -18.72
CA VAL A 95 15.29 -0.31 -20.02
C VAL A 95 16.27 0.84 -20.22
N ASP A 96 17.54 0.47 -20.42
CA ASP A 96 18.63 1.44 -20.57
C ASP A 96 18.95 1.65 -22.05
N ASP A 97 19.46 2.82 -22.40
CA ASP A 97 19.80 3.14 -23.78
C ASP A 97 21.25 3.61 -23.96
N GLU A 98 22.15 2.70 -24.32
CA GLU A 98 21.79 1.31 -24.65
C GLU A 98 22.74 0.27 -24.05
N LEU A 99 22.21 -0.95 -23.88
CA LEU A 99 23.00 -2.10 -23.47
C LEU A 99 23.08 -3.05 -24.68
N PRO A 100 23.93 -4.10 -24.61
CA PRO A 100 23.97 -5.02 -25.76
C PRO A 100 22.56 -5.48 -26.12
N CYS A 101 22.07 -5.08 -27.29
CA CYS A 101 20.71 -5.42 -27.70
C CYS A 101 20.46 -6.91 -27.48
N ASN A 102 19.24 -7.23 -27.06
CA ASN A 102 18.84 -8.61 -26.73
C ASN A 102 19.23 -8.96 -25.30
N THR A 103 19.41 -7.95 -24.45
CA THR A 103 19.71 -8.18 -23.02
C THR A 103 18.47 -8.11 -22.11
N CYS A 104 18.34 -9.14 -21.27
CA CYS A 104 17.34 -9.18 -20.22
C CYS A 104 18.00 -9.77 -18.98
N SER A 105 18.71 -8.94 -18.22
CA SER A 105 19.38 -9.45 -17.02
C SER A 105 18.50 -9.30 -15.80
N LEU A 106 18.06 -10.45 -15.30
CA LEU A 106 17.31 -10.54 -14.07
C LEU A 106 18.28 -10.29 -12.92
N PRO A 107 17.88 -9.48 -11.92
CA PRO A 107 18.78 -9.22 -10.81
C PRO A 107 18.93 -10.44 -9.90
N ASP A 108 20.09 -10.56 -9.26
CA ASP A 108 20.32 -11.62 -8.30
C ASP A 108 19.64 -11.23 -6.99
N VAL A 109 18.58 -11.94 -6.65
CA VAL A 109 17.81 -11.70 -5.43
C VAL A 109 17.62 -13.04 -4.71
N GLU A 110 17.82 -13.05 -3.40
CA GLU A 110 17.55 -14.25 -2.62
C GLU A 110 16.06 -14.29 -2.27
N VAL A 111 15.31 -15.09 -3.02
CA VAL A 111 13.89 -15.30 -2.74
C VAL A 111 13.77 -16.57 -1.89
N PRO A 112 13.24 -16.43 -0.66
CA PRO A 112 13.18 -17.56 0.26
C PRO A 112 11.88 -18.38 0.17
N LEU A 113 11.92 -19.61 0.69
CA LEU A 113 10.73 -20.43 0.91
C LEU A 113 10.10 -20.07 2.24
N ILE A 114 8.87 -19.55 2.19
CA ILE A 114 8.11 -19.16 3.39
C ILE A 114 6.75 -19.85 3.46
N LYS A 115 6.17 -19.88 4.66
CA LYS A 115 4.84 -20.45 4.90
C LYS A 115 3.72 -19.55 4.36
N ALA A 116 2.65 -20.17 3.87
CA ALA A 116 1.54 -19.47 3.19
C ALA A 116 0.78 -18.49 4.09
N SER B 2 12.88 22.65 19.94
CA SER B 2 13.49 23.87 19.32
C SER B 2 13.41 23.86 17.79
N MET B 3 12.52 23.03 17.24
CA MET B 3 12.20 23.05 15.81
C MET B 3 11.24 24.19 15.52
N SER B 4 11.51 24.95 14.45
CA SER B 4 10.59 25.99 13.98
C SER B 4 9.34 25.33 13.39
N SER B 5 8.23 26.05 13.41
CA SER B 5 6.95 25.52 12.92
C SER B 5 6.97 25.23 11.41
N LEU B 6 7.80 25.98 10.68
CA LEU B 6 8.04 25.73 9.26
C LEU B 6 8.80 24.41 9.05
N CYS B 7 9.74 24.13 9.95
CA CYS B 7 10.46 22.85 9.94
C CYS B 7 9.51 21.67 10.16
N LEU B 8 8.64 21.79 11.16
CA LEU B 8 7.60 20.80 11.43
C LEU B 8 6.68 20.62 10.24
N GLN B 9 6.29 21.73 9.62
CA GLN B 9 5.38 21.72 8.47
C GLN B 9 6.02 21.03 7.26
N ARG B 10 7.25 21.43 6.93
CA ARG B 10 7.97 20.88 5.79
C ARG B 10 8.34 19.40 5.97
N LEU B 11 8.66 19.00 7.21
CA LEU B 11 8.98 17.59 7.50
C LEU B 11 7.79 16.65 7.34
N GLN B 12 6.61 17.10 7.78
CA GLN B 12 5.37 16.35 7.61
C GLN B 12 5.01 16.19 6.13
N GLU B 13 5.27 17.23 5.34
CA GLU B 13 5.06 17.17 3.89
C GLU B 13 6.07 16.23 3.21
N GLU B 14 7.32 16.24 3.67
CA GLU B 14 8.35 15.33 3.16
C GLU B 14 7.94 13.88 3.34
N ARG B 15 7.51 13.55 4.56
CA ARG B 15 7.01 12.21 4.84
C ARG B 15 5.84 11.84 3.92
N LYS B 16 5.02 12.82 3.59
CA LYS B 16 3.86 12.62 2.71
C LYS B 16 4.20 12.43 1.23
N LYS B 17 5.03 13.32 0.66
CA LYS B 17 5.49 13.18 -0.72
C LYS B 17 6.19 11.84 -0.94
N TRP B 18 7.01 11.45 0.05
CA TRP B 18 7.75 10.19 0.04
C TRP B 18 6.82 8.99 -0.08
N ARG B 19 5.74 9.01 0.71
CA ARG B 19 4.72 7.97 0.70
C ARG B 19 4.11 7.78 -0.68
N LYS B 20 3.75 8.90 -1.30
CA LYS B 20 3.13 8.93 -2.61
C LYS B 20 4.11 8.56 -3.69
N ASP B 21 5.36 9.01 -3.54
CA ASP B 21 6.34 8.92 -4.59
C ASP B 21 7.74 8.76 -4.03
N HIS B 22 8.25 7.55 -4.07
CA HIS B 22 9.63 7.29 -3.71
C HIS B 22 10.21 6.28 -4.69
N PRO B 23 11.52 6.35 -4.96
CA PRO B 23 12.09 5.47 -5.99
C PRO B 23 12.01 4.01 -5.57
N PHE B 24 11.83 3.12 -6.55
CA PHE B 24 11.71 1.69 -6.31
C PHE B 24 12.92 1.16 -5.56
N GLY B 25 12.67 0.39 -4.50
CA GLY B 25 13.74 -0.26 -3.75
C GLY B 25 14.35 0.55 -2.61
N PHE B 26 13.98 1.83 -2.54
CA PHE B 26 14.44 2.68 -1.46
C PHE B 26 13.44 2.58 -0.32
N TYR B 27 13.89 2.85 0.90
CA TYR B 27 12.97 3.05 2.01
C TYR B 27 13.44 4.25 2.86
N ALA B 28 12.51 4.94 3.50
CA ALA B 28 12.83 6.04 4.42
C ALA B 28 11.71 6.21 5.44
N LYS B 29 12.08 6.21 6.71
CA LYS B 29 11.10 6.20 7.81
C LYS B 29 11.68 6.87 9.06
N PRO B 30 10.90 7.77 9.70
CA PRO B 30 11.33 8.34 10.97
C PRO B 30 11.62 7.28 12.03
N VAL B 31 12.63 7.54 12.85
CA VAL B 31 13.03 6.66 13.94
C VAL B 31 11.95 6.59 15.03
N LYS B 32 11.78 5.41 15.64
CA LYS B 32 10.88 5.27 16.78
C LYS B 32 11.64 5.42 18.10
N LYS B 33 11.00 6.10 19.05
CA LYS B 33 11.66 6.50 20.29
C LYS B 33 11.17 5.65 21.47
N ALA B 34 11.95 5.67 22.56
CA ALA B 34 11.67 4.90 23.77
C ALA B 34 10.18 4.78 24.10
N ASP B 35 9.45 5.89 24.06
CA ASP B 35 8.03 5.94 24.41
C ASP B 35 7.09 5.32 23.37
N GLY B 36 7.63 4.93 22.22
CA GLY B 36 6.85 4.33 21.14
C GLY B 36 6.48 5.29 20.02
N SER B 37 6.81 6.57 20.20
CA SER B 37 6.46 7.62 19.25
C SER B 37 7.56 7.81 18.22
N MET B 38 7.26 8.56 17.17
CA MET B 38 8.23 8.86 16.11
C MET B 38 8.97 10.18 16.31
N ASP B 39 10.23 10.21 15.88
CA ASP B 39 11.04 11.42 15.83
C ASP B 39 11.17 11.86 14.38
N LEU B 40 10.48 12.95 14.03
CA LEU B 40 10.49 13.48 12.65
C LEU B 40 11.83 14.07 12.25
N GLN B 41 12.68 14.38 13.24
CA GLN B 41 14.00 14.95 12.96
C GLN B 41 15.08 13.94 12.56
N LYS B 42 14.90 12.67 12.94
CA LYS B 42 15.86 11.62 12.61
C LYS B 42 15.21 10.45 11.87
N TRP B 43 15.66 10.24 10.63
CA TRP B 43 15.11 9.21 9.75
C TRP B 43 16.15 8.14 9.38
N GLU B 44 15.66 6.91 9.21
CA GLU B 44 16.46 5.81 8.70
C GLU B 44 16.03 5.55 7.26
N ALA B 45 17.01 5.40 6.39
CA ALA B 45 16.75 5.14 4.99
C ALA B 45 17.71 4.07 4.46
N GLY B 46 17.41 3.54 3.28
CA GLY B 46 18.24 2.52 2.68
C GLY B 46 18.42 2.79 1.21
N ILE B 47 19.65 2.62 0.74
CA ILE B 47 19.99 2.93 -0.64
C ILE B 47 20.44 1.66 -1.36
N PRO B 48 19.66 1.21 -2.37
CA PRO B 48 20.08 0.05 -3.16
C PRO B 48 21.17 0.41 -4.16
N GLY B 49 22.19 -0.43 -4.26
CA GLY B 49 23.23 -0.26 -5.27
C GLY B 49 22.60 -0.50 -6.63
N LYS B 50 23.13 0.15 -7.66
CA LYS B 50 22.64 -0.02 -9.03
C LYS B 50 23.04 -1.37 -9.60
N GLU B 51 22.14 -1.96 -10.39
CA GLU B 51 22.44 -3.20 -11.10
C GLU B 51 23.49 -2.93 -12.18
N GLY B 52 24.25 -3.97 -12.54
CA GLY B 52 25.31 -3.81 -13.52
C GLY B 52 26.45 -2.96 -13.01
N THR B 53 26.54 -2.85 -11.68
CA THR B 53 27.69 -2.23 -11.04
C THR B 53 28.10 -3.11 -9.86
N ASN B 54 29.31 -2.88 -9.35
CA ASN B 54 29.83 -3.64 -8.21
C ASN B 54 29.04 -3.44 -6.91
N TRP B 55 28.17 -2.43 -6.87
CA TRP B 55 27.36 -2.15 -5.67
C TRP B 55 26.05 -2.97 -5.66
N ALA B 56 25.74 -3.62 -6.78
CA ALA B 56 24.53 -4.40 -6.95
C ALA B 56 24.32 -5.44 -5.85
N GLY B 57 23.07 -5.64 -5.45
CA GLY B 57 22.72 -6.62 -4.41
C GLY B 57 22.67 -6.06 -3.00
N GLY B 58 23.37 -4.95 -2.78
CA GLY B 58 23.41 -4.34 -1.45
C GLY B 58 22.38 -3.25 -1.26
N VAL B 59 21.83 -3.16 -0.04
CA VAL B 59 21.01 -2.04 0.37
C VAL B 59 21.73 -1.31 1.50
N TYR B 60 22.15 -0.08 1.24
CA TYR B 60 23.06 0.64 2.14
C TYR B 60 22.33 1.61 3.07
N PRO B 61 22.48 1.40 4.39
CA PRO B 61 21.72 2.16 5.38
C PRO B 61 22.30 3.54 5.64
N ILE B 62 21.44 4.55 5.64
CA ILE B 62 21.84 5.91 6.01
C ILE B 62 20.92 6.45 7.10
N THR B 63 21.41 7.46 7.83
CA THR B 63 20.55 8.22 8.71
C THR B 63 20.47 9.66 8.20
N VAL B 64 19.25 10.17 8.11
CA VAL B 64 19.02 11.54 7.73
C VAL B 64 18.61 12.32 8.97
N GLU B 65 19.44 13.28 9.35
CA GLU B 65 19.19 14.10 10.54
C GLU B 65 18.93 15.54 10.15
N TYR B 66 17.77 16.05 10.52
CA TYR B 66 17.34 17.39 10.14
C TYR B 66 17.64 18.42 11.23
N PRO B 67 18.29 19.53 10.86
CA PRO B 67 18.54 20.61 11.80
C PRO B 67 17.25 21.34 12.16
N ASN B 68 17.27 22.05 13.29
CA ASN B 68 16.12 22.84 13.74
C ASN B 68 15.76 23.94 12.74
N GLU B 69 16.71 24.31 11.89
CA GLU B 69 16.53 25.38 10.91
C GLU B 69 16.16 24.88 9.52
N TYR B 70 16.05 23.57 9.35
CA TYR B 70 15.54 22.99 8.11
C TYR B 70 14.20 23.67 7.78
N PRO B 71 13.96 24.01 6.49
CA PRO B 71 14.77 23.71 5.31
C PRO B 71 15.79 24.78 4.93
N SER B 72 16.02 25.78 5.79
CA SER B 72 17.05 26.80 5.56
C SER B 72 18.43 26.13 5.45
N LYS B 73 18.66 25.14 6.31
CA LYS B 73 19.91 24.38 6.33
C LYS B 73 19.67 22.93 5.90
N PRO B 74 20.67 22.30 5.26
CA PRO B 74 20.52 20.94 4.74
C PRO B 74 20.50 19.88 5.85
N PRO B 75 19.91 18.69 5.56
CA PRO B 75 20.03 17.55 6.46
C PRO B 75 21.49 17.06 6.55
N LYS B 76 21.77 16.26 7.58
CA LYS B 76 23.06 15.58 7.67
C LYS B 76 22.82 14.10 7.36
N VAL B 77 23.52 13.61 6.35
CA VAL B 77 23.34 12.23 5.91
C VAL B 77 24.59 11.41 6.19
N LYS B 78 24.40 10.25 6.81
CA LYS B 78 25.52 9.42 7.24
C LYS B 78 25.31 7.94 6.95
N PHE B 79 26.30 7.33 6.29
CA PHE B 79 26.44 5.88 6.28
C PHE B 79 26.98 5.51 7.66
N PRO B 80 27.03 4.21 8.01
CA PRO B 80 27.67 3.87 9.28
C PRO B 80 29.17 4.25 9.27
N ALA B 81 29.70 4.65 10.43
CA ALA B 81 31.12 4.95 10.57
C ALA B 81 31.98 3.75 10.18
N GLY B 82 32.92 3.97 9.26
CA GLY B 82 33.73 2.88 8.71
C GLY B 82 33.30 2.42 7.33
N PHE B 83 32.15 2.89 6.86
CA PHE B 83 31.67 2.64 5.50
C PHE B 83 32.74 3.06 4.50
N TYR B 84 32.86 2.29 3.41
CA TYR B 84 33.99 2.39 2.50
C TYR B 84 33.57 3.03 1.19
N HIS B 85 34.08 4.24 0.94
CA HIS B 85 33.79 5.01 -0.27
C HIS B 85 34.63 6.27 -0.23
N PRO B 86 35.19 6.68 -1.40
CA PRO B 86 36.12 7.82 -1.42
C PRO B 86 35.50 9.12 -0.91
N ASN B 87 34.19 9.30 -1.07
CA ASN B 87 33.51 10.53 -0.64
C ASN B 87 32.76 10.44 0.69
N VAL B 88 33.06 9.40 1.48
CA VAL B 88 32.47 9.27 2.81
C VAL B 88 33.57 9.43 3.87
N TYR B 89 33.38 10.36 4.80
CA TYR B 89 34.30 10.56 5.92
C TYR B 89 34.39 9.32 6.81
N PRO B 90 35.47 9.19 7.60
CA PRO B 90 35.58 8.12 8.60
C PRO B 90 34.38 8.05 9.55
N SER B 91 33.78 9.21 9.84
CA SER B 91 32.58 9.29 10.68
C SER B 91 31.33 8.73 10.01
N GLY B 92 31.34 8.69 8.68
CA GLY B 92 30.17 8.20 7.93
C GLY B 92 29.43 9.29 7.17
N THR B 93 29.81 10.55 7.40
CA THR B 93 29.18 11.69 6.74
C THR B 93 29.45 11.68 5.23
N ILE B 94 28.39 11.77 4.44
CA ILE B 94 28.51 11.82 2.98
C ILE B 94 28.83 13.25 2.52
N CYS B 95 29.76 13.37 1.59
CA CYS B 95 30.08 14.65 0.96
C CYS B 95 29.38 14.76 -0.39
N LEU B 96 28.28 15.50 -0.40
CA LEU B 96 27.51 15.77 -1.61
C LEU B 96 27.22 17.26 -1.66
N SER B 97 27.49 17.86 -2.81
CA SER B 97 27.35 19.31 -2.97
C SER B 97 25.93 19.82 -2.66
N ILE B 98 24.91 19.04 -3.00
CA ILE B 98 23.52 19.41 -2.69
C ILE B 98 23.19 19.34 -1.18
N LEU B 99 24.13 18.82 -0.39
CA LEU B 99 23.98 18.80 1.07
C LEU B 99 24.84 19.88 1.75
N ASN B 100 25.48 20.73 0.96
CA ASN B 100 26.32 21.78 1.52
C ASN B 100 25.65 23.14 1.37
N GLU B 101 25.46 23.80 2.52
CA GLU B 101 24.78 25.09 2.60
C GLU B 101 25.45 26.18 1.77
N ASP B 102 26.78 26.07 1.61
CA ASP B 102 27.56 27.06 0.86
C ASP B 102 27.64 26.72 -0.64
N GLN B 103 27.12 25.55 -1.01
CA GLN B 103 27.21 25.06 -2.38
C GLN B 103 25.86 24.92 -3.08
N ASP B 104 25.39 23.68 -3.27
CA ASP B 104 24.25 23.43 -4.15
C ASP B 104 22.91 23.15 -3.45
N TRP B 105 22.92 23.16 -2.12
CA TRP B 105 21.68 23.01 -1.34
C TRP B 105 20.72 24.17 -1.56
N ARG B 106 19.47 23.83 -1.83
CA ARG B 106 18.38 24.81 -1.92
C ARG B 106 17.20 24.22 -1.14
N PRO B 107 16.44 25.06 -0.42
CA PRO B 107 15.34 24.54 0.42
C PRO B 107 14.32 23.64 -0.32
N ALA B 108 14.20 23.81 -1.64
CA ALA B 108 13.29 22.99 -2.45
C ALA B 108 13.68 21.51 -2.62
N ILE B 109 14.90 21.15 -2.18
CA ILE B 109 15.44 19.81 -2.37
C ILE B 109 14.70 18.76 -1.50
N THR B 110 14.02 17.85 -2.17
CA THR B 110 13.23 16.80 -1.51
C THR B 110 14.11 15.64 -1.10
N LEU B 111 13.57 14.75 -0.26
CA LEU B 111 14.30 13.56 0.20
C LEU B 111 14.57 12.63 -0.97
N LYS B 112 13.69 12.65 -1.98
CA LYS B 112 13.88 11.89 -3.22
C LYS B 112 15.16 12.28 -3.94
N GLN B 113 15.33 13.58 -4.18
CA GLN B 113 16.52 14.10 -4.84
C GLN B 113 17.80 13.75 -4.09
N ILE B 114 17.75 13.84 -2.76
CA ILE B 114 18.87 13.46 -1.90
C ILE B 114 19.25 11.98 -2.08
N VAL B 115 18.29 11.07 -1.98
CA VAL B 115 18.60 9.64 -2.03
C VAL B 115 19.07 9.19 -3.41
N LEU B 116 18.55 9.82 -4.46
CA LEU B 116 19.03 9.53 -5.81
C LEU B 116 20.45 10.06 -6.03
N GLY B 117 20.75 11.22 -5.45
CA GLY B 117 22.11 11.79 -5.48
C GLY B 117 23.11 10.90 -4.77
N VAL B 118 22.75 10.40 -3.59
CA VAL B 118 23.60 9.46 -2.84
C VAL B 118 23.82 8.16 -3.61
N GLN B 119 22.76 7.65 -4.24
CA GLN B 119 22.87 6.44 -5.06
C GLN B 119 23.79 6.64 -6.27
N ASP B 120 23.71 7.80 -6.92
CA ASP B 120 24.58 8.10 -8.06
C ASP B 120 26.05 8.19 -7.64
N LEU B 121 26.27 8.64 -6.41
CA LEU B 121 27.61 8.81 -5.87
C LEU B 121 28.34 7.47 -5.68
N LEU B 122 27.59 6.46 -5.25
CA LEU B 122 28.13 5.12 -5.01
C LEU B 122 29.11 4.66 -6.09
N ASP B 123 28.66 4.63 -7.34
CA ASP B 123 29.47 4.08 -8.43
C ASP B 123 30.26 5.14 -9.20
N SER B 124 29.99 6.41 -8.92
CA SER B 124 30.73 7.52 -9.54
C SER B 124 31.30 8.47 -8.49
N PRO B 125 32.44 8.09 -7.85
CA PRO B 125 33.03 8.95 -6.82
C PRO B 125 33.54 10.28 -7.39
N ASN B 126 33.33 11.36 -6.64
CA ASN B 126 33.69 12.71 -7.06
C ASN B 126 35.13 13.09 -6.66
N PRO B 127 35.99 13.42 -7.66
CA PRO B 127 37.40 13.77 -7.42
C PRO B 127 37.63 15.04 -6.61
N ASN B 128 36.62 15.90 -6.54
CA ASN B 128 36.72 17.16 -5.80
C ASN B 128 36.31 17.00 -4.33
N SER B 129 36.16 15.74 -3.90
CA SER B 129 35.76 15.44 -2.53
C SER B 129 36.50 14.24 -1.94
N PRO B 130 37.84 14.30 -1.88
CA PRO B 130 38.49 13.16 -1.26
C PRO B 130 38.22 13.20 0.26
N ALA B 131 37.32 12.35 0.73
CA ALA B 131 36.91 12.35 2.13
C ALA B 131 37.50 11.19 2.95
N GLN B 132 37.91 10.13 2.26
CA GLN B 132 38.49 8.94 2.90
C GLN B 132 39.80 8.59 2.21
N GLU B 133 40.93 8.75 2.91
CA GLU B 133 42.26 8.55 2.28
C GLU B 133 42.47 7.16 1.67
N PRO B 134 42.32 6.08 2.48
CA PRO B 134 42.62 4.72 1.97
C PRO B 134 41.74 4.29 0.81
N ALA B 135 40.47 4.70 0.82
CA ALA B 135 39.55 4.40 -0.27
C ALA B 135 39.92 5.14 -1.55
N TRP B 136 40.33 6.40 -1.40
CA TRP B 136 40.78 7.21 -2.54
C TRP B 136 42.07 6.64 -3.16
N ARG B 137 43.00 6.22 -2.29
CA ARG B 137 44.24 5.60 -2.74
C ARG B 137 43.96 4.35 -3.58
N SER B 138 43.14 3.43 -3.06
CA SER B 138 42.76 2.23 -3.81
C SER B 138 42.09 2.56 -5.14
N PHE B 139 41.05 3.39 -5.09
CA PHE B 139 40.33 3.79 -6.31
C PHE B 139 41.27 4.33 -7.39
N SER B 140 42.28 5.10 -7.00
CA SER B 140 43.16 5.79 -7.95
C SER B 140 44.30 4.94 -8.53
N ARG B 141 44.81 3.99 -7.75
CA ARG B 141 46.03 3.28 -8.15
C ARG B 141 46.06 1.77 -7.86
N ASN B 142 44.97 1.25 -7.32
CA ASN B 142 44.83 -0.18 -7.08
C ASN B 142 43.34 -0.56 -7.18
N LYS B 143 42.79 -0.37 -8.38
CA LYS B 143 41.36 -0.54 -8.65
C LYS B 143 40.83 -1.94 -8.34
N ALA B 144 41.71 -2.94 -8.45
CA ALA B 144 41.35 -4.31 -8.15
C ALA B 144 41.16 -4.56 -6.64
N GLU B 145 41.91 -3.83 -5.81
CA GLU B 145 41.72 -3.87 -4.36
C GLU B 145 40.46 -3.09 -3.98
N TYR B 146 40.18 -2.04 -4.74
CA TYR B 146 39.00 -1.22 -4.51
C TYR B 146 37.75 -2.04 -4.83
N ASP B 147 37.64 -2.48 -6.08
CA ASP B 147 36.51 -3.30 -6.53
C ASP B 147 36.21 -4.42 -5.54
N LYS B 148 37.24 -5.14 -5.12
CA LYS B 148 37.10 -6.27 -4.19
C LYS B 148 36.49 -5.85 -2.86
N LYS B 149 36.99 -4.76 -2.29
CA LYS B 149 36.43 -4.18 -1.06
C LYS B 149 34.97 -3.81 -1.24
N VAL B 150 34.64 -3.21 -2.37
CA VAL B 150 33.26 -2.85 -2.71
C VAL B 150 32.35 -4.08 -2.80
N LEU B 151 32.84 -5.14 -3.41
CA LEU B 151 32.04 -6.34 -3.59
C LEU B 151 31.76 -7.02 -2.24
N LEU B 152 32.76 -7.01 -1.36
CA LEU B 152 32.60 -7.44 0.03
C LEU B 152 31.54 -6.64 0.79
N GLN B 153 31.54 -5.32 0.60
CA GLN B 153 30.59 -4.42 1.27
C GLN B 153 29.17 -4.63 0.76
N ALA B 154 29.02 -4.92 -0.53
CA ALA B 154 27.74 -5.28 -1.13
C ALA B 154 27.18 -6.53 -0.50
N LYS B 155 28.03 -7.51 -0.23
CA LYS B 155 27.62 -8.76 0.42
C LYS B 155 27.27 -8.49 1.88
N GLN B 156 28.09 -7.69 2.55
CA GLN B 156 27.85 -7.29 3.94
C GLN B 156 26.45 -6.69 4.12
N TYR B 157 26.05 -5.79 3.20
CA TYR B 157 24.73 -5.18 3.24
C TYR B 157 23.71 -5.78 2.28
N SER B 158 23.79 -7.10 2.08
CA SER B 158 22.84 -7.85 1.25
C SER B 158 21.39 -7.57 1.61
N LYS B 159 20.51 -7.63 0.60
CA LYS B 159 19.07 -7.49 0.84
C LYS B 159 18.53 -8.78 1.49
N SER C 3 1.10 32.82 14.08
CA SER C 3 -0.13 33.52 13.57
C SER C 3 -0.84 32.72 12.46
N LYS C 4 -0.18 31.68 11.97
CA LYS C 4 -0.73 30.82 10.91
C LYS C 4 -1.55 29.66 11.49
N VAL C 5 -1.06 29.05 12.56
CA VAL C 5 -1.77 27.96 13.24
C VAL C 5 -2.93 28.50 14.08
N CYS C 6 -4.11 27.91 13.91
CA CYS C 6 -5.28 28.22 14.72
C CYS C 6 -5.08 27.68 16.13
N ARG C 7 -5.77 28.26 17.10
CA ARG C 7 -5.56 27.87 18.51
C ARG C 7 -6.87 27.70 19.27
N GLY C 8 -6.83 26.84 20.29
CA GLY C 8 -7.98 26.59 21.15
C GLY C 8 -7.62 25.74 22.36
N VAL C 9 -8.38 25.91 23.44
CA VAL C 9 -8.17 25.14 24.67
C VAL C 9 -9.27 24.10 24.83
N ILE C 10 -8.88 22.85 25.04
CA ILE C 10 -9.83 21.78 25.36
C ILE C 10 -9.94 21.65 26.88
N LYS C 11 -11.16 21.64 27.39
CA LYS C 11 -11.41 21.37 28.81
C LYS C 11 -11.69 19.87 28.99
N LEU C 12 -10.86 19.23 29.81
CA LEU C 12 -10.93 17.78 30.02
C LEU C 12 -11.09 17.41 31.49
N SER C 13 -11.60 16.21 31.72
CA SER C 13 -11.67 15.63 33.06
C SER C 13 -10.45 14.77 33.33
N SER C 14 -10.01 14.73 34.59
CA SER C 14 -8.88 13.89 35.00
C SER C 14 -9.19 12.41 34.75
N ASP C 15 -10.46 12.06 34.89
CA ASP C 15 -10.98 10.75 34.54
C ASP C 15 -10.94 10.49 33.03
N CYS C 16 -11.27 11.51 32.24
CA CYS C 16 -11.34 11.40 30.77
C CYS C 16 -9.97 11.19 30.13
N LEU C 17 -8.93 11.71 30.77
CA LEU C 17 -7.56 11.62 30.25
C LEU C 17 -6.99 10.20 30.30
N ASN C 18 -7.56 9.35 31.15
CA ASN C 18 -7.08 7.97 31.32
C ASN C 18 -7.87 6.94 30.52
N LYS C 19 -9.04 7.35 30.02
CA LYS C 19 -9.94 6.45 29.30
C LYS C 19 -10.05 6.81 27.81
N MET C 20 -9.67 8.04 27.46
CA MET C 20 -9.76 8.53 26.09
C MET C 20 -8.76 7.80 25.19
N LYS C 21 -9.27 7.14 24.15
CA LYS C 21 -8.42 6.43 23.19
C LYS C 21 -7.98 7.37 22.08
N LEU C 22 -6.72 7.23 21.67
CA LEU C 22 -6.10 8.11 20.67
C LEU C 22 -6.85 8.10 19.33
N SER C 23 -7.34 6.93 18.94
CA SER C 23 -8.08 6.76 17.68
C SER C 23 -9.34 7.62 17.65
N ASP C 24 -10.11 7.61 18.75
CA ASP C 24 -11.34 8.38 18.86
C ASP C 24 -11.08 9.87 19.06
N PHE C 25 -9.96 10.19 19.71
CA PHE C 25 -9.53 11.57 19.93
C PHE C 25 -9.31 12.25 18.58
N VAL C 26 -8.71 11.51 17.65
CA VAL C 26 -8.53 11.93 16.26
C VAL C 26 -9.87 12.11 15.54
N VAL C 27 -10.80 11.17 15.76
CA VAL C 27 -12.14 11.23 15.17
C VAL C 27 -12.84 12.52 15.58
N LEU C 28 -12.80 12.84 16.87
CA LEU C 28 -13.41 14.06 17.43
C LEU C 28 -12.87 15.34 16.80
N ILE C 29 -11.54 15.46 16.73
CA ILE C 29 -10.88 16.67 16.21
C ILE C 29 -11.13 16.86 14.71
N ARG C 30 -11.05 15.77 13.94
CA ARG C 30 -11.31 15.79 12.48
C ARG C 30 -12.72 16.28 12.12
N GLU C 31 -13.73 15.85 12.85
CA GLU C 31 -15.12 16.17 12.52
C GLU C 31 -15.60 17.54 13.03
N LYS C 32 -14.88 18.09 14.00
CA LYS C 32 -15.21 19.42 14.53
C LYS C 32 -14.74 20.53 13.58
N TYR C 33 -13.55 20.36 13.02
CA TYR C 33 -12.92 21.41 12.22
C TYR C 33 -12.83 21.06 10.73
N SER C 34 -13.58 20.04 10.31
CA SER C 34 -13.68 19.61 8.92
C SER C 34 -12.32 19.34 8.25
N TYR C 35 -11.51 18.52 8.90
CA TYR C 35 -10.27 18.04 8.31
C TYR C 35 -10.55 16.86 7.36
N PRO C 36 -9.65 16.62 6.38
CA PRO C 36 -9.80 15.45 5.52
C PRO C 36 -9.35 14.16 6.22
N GLN C 37 -9.31 13.05 5.47
CA GLN C 37 -8.98 11.74 6.04
C GLN C 37 -7.54 11.64 6.54
N ASP C 38 -6.60 12.08 5.70
CA ASP C 38 -5.18 11.99 6.02
C ASP C 38 -4.73 13.17 6.88
N ILE C 39 -4.50 12.89 8.15
CA ILE C 39 -4.06 13.89 9.12
C ILE C 39 -2.78 13.44 9.82
N SER C 40 -2.12 14.36 10.51
CA SER C 40 -1.02 13.99 11.41
C SER C 40 -1.19 14.68 12.75
N LEU C 41 -0.77 13.99 13.82
CA LEU C 41 -0.95 14.49 15.18
C LEU C 41 0.34 14.49 15.97
N LEU C 42 0.81 15.68 16.32
CA LEU C 42 2.06 15.86 17.05
C LEU C 42 1.83 16.27 18.49
N ASP C 43 2.75 15.89 19.36
CA ASP C 43 2.90 16.56 20.66
C ASP C 43 3.70 17.83 20.39
N ALA C 44 3.03 18.98 20.43
CA ALA C 44 3.63 20.25 20.01
C ALA C 44 4.75 20.78 20.92
N SER C 45 4.88 20.21 22.12
CA SER C 45 5.89 20.68 23.07
C SER C 45 7.24 20.00 22.86
N ASN C 46 7.27 18.68 23.02
CA ASN C 46 8.48 17.90 22.82
C ASN C 46 8.71 17.51 21.35
N GLN C 47 7.65 17.66 20.55
CA GLN C 47 7.70 17.52 19.09
C GLN C 47 7.82 16.06 18.61
N ARG C 48 7.15 15.17 19.32
CA ARG C 48 7.06 13.77 18.94
C ARG C 48 5.89 13.60 17.97
N LEU C 49 6.05 12.72 17.00
CA LEU C 49 4.92 12.32 16.16
C LEU C 49 4.22 11.14 16.85
N LEU C 50 2.91 11.25 17.01
CA LEU C 50 2.15 10.29 17.81
C LEU C 50 1.18 9.48 16.96
N PHE C 51 0.73 10.06 15.86
CA PHE C 51 -0.24 9.42 14.98
C PHE C 51 -0.25 10.13 13.63
N ASP C 52 -0.30 9.33 12.56
CA ASP C 52 -0.69 9.82 11.23
C ASP C 52 -1.25 8.68 10.38
N TYR C 53 -1.70 9.03 9.18
CA TYR C 53 -2.24 8.09 8.19
C TYR C 53 -1.49 6.76 8.03
N ASP C 54 -0.18 6.75 8.35
CA ASP C 54 0.62 5.52 8.27
C ASP C 54 1.11 5.01 9.61
N PHE C 55 1.39 5.92 10.53
CA PHE C 55 1.87 5.57 11.86
C PHE C 55 0.68 5.37 12.79
N GLU C 56 0.33 4.10 12.98
CA GLU C 56 -0.86 3.73 13.75
C GLU C 56 -0.53 2.85 14.96
N ASP C 57 0.76 2.80 15.33
CA ASP C 57 1.21 2.01 16.48
C ASP C 57 0.51 2.42 17.78
N LEU C 58 0.26 3.71 17.93
CA LEU C 58 -0.30 4.28 19.17
C LEU C 58 -1.83 4.40 19.13
N ASN C 59 -2.43 3.99 18.01
CA ASN C 59 -3.87 3.97 17.80
C ASN C 59 -4.70 3.56 19.02
N ASP C 60 -4.27 2.47 19.69
CA ASP C 60 -5.05 1.83 20.75
C ASP C 60 -4.80 2.38 22.16
N ARG C 61 -3.70 3.12 22.33
CA ARG C 61 -3.31 3.65 23.64
C ARG C 61 -4.20 4.82 24.09
N THR C 62 -4.28 5.04 25.39
CA THR C 62 -5.00 6.18 25.96
C THR C 62 -4.09 7.41 26.01
N LEU C 63 -4.70 8.59 26.15
CA LEU C 63 -3.95 9.84 26.15
C LEU C 63 -2.83 9.88 27.19
N SER C 64 -3.08 9.32 28.37
CA SER C 64 -2.05 9.21 29.40
C SER C 64 -0.99 8.16 29.09
N GLU C 65 -1.38 7.13 28.33
CA GLU C 65 -0.46 6.06 27.95
C GLU C 65 0.56 6.48 26.87
N ILE C 66 0.30 7.62 26.23
CA ILE C 66 1.24 8.20 25.27
C ILE C 66 1.89 9.48 25.81
N ASN C 67 1.92 9.57 27.14
CA ASN C 67 2.53 10.71 27.87
C ASN C 67 1.93 12.10 27.61
N LEU C 68 0.63 12.16 27.41
CA LEU C 68 -0.06 13.46 27.34
C LEU C 68 -0.80 13.71 28.64
N GLY C 69 -0.45 14.80 29.31
CA GLY C 69 -1.06 15.15 30.59
C GLY C 69 -1.60 16.57 30.65
N ASN C 70 -1.61 17.13 31.85
CA ASN C 70 -2.06 18.50 32.08
C ASN C 70 -1.05 19.49 31.52
N GLY C 71 -1.50 20.38 30.65
CA GLY C 71 -0.64 21.40 30.07
C GLY C 71 0.16 20.93 28.86
N SER C 72 -0.30 19.85 28.23
CA SER C 72 0.29 19.37 26.99
C SER C 72 -0.40 20.03 25.80
N ILE C 73 0.35 20.30 24.74
CA ILE C 73 -0.21 20.93 23.56
C ILE C 73 -0.09 20.03 22.33
N ILE C 74 -1.12 20.03 21.51
CA ILE C 74 -1.27 19.12 20.37
C ILE C 74 -1.33 19.92 19.07
N LEU C 75 -0.69 19.39 18.02
CA LEU C 75 -0.78 19.98 16.69
C LEU C 75 -1.43 19.00 15.73
N PHE C 76 -2.42 19.48 15.00
CA PHE C 76 -3.24 18.66 14.11
C PHE C 76 -3.18 19.32 12.73
N SER C 77 -2.71 18.57 11.74
CA SER C 77 -2.46 19.14 10.41
C SER C 77 -3.18 18.39 9.29
N ASP C 78 -3.48 19.13 8.22
CA ASP C 78 -4.00 18.57 6.99
C ASP C 78 -2.85 17.91 6.21
N GLU C 79 -2.96 16.62 5.94
CA GLU C 79 -1.91 15.90 5.21
C GLU C 79 -2.45 15.14 4.00
N GLU C 80 -3.21 15.84 3.15
CA GLU C 80 -3.86 15.21 1.99
C GLU C 80 -3.19 15.53 0.66
N GLY C 81 -2.47 16.65 0.60
CA GLY C 81 -1.75 17.05 -0.60
C GLY C 81 -2.66 17.55 -1.71
N ASP C 82 -3.73 18.25 -1.34
CA ASP C 82 -4.66 18.85 -2.30
C ASP C 82 -4.45 20.36 -2.35
N THR C 83 -5.04 20.99 -3.37
CA THR C 83 -4.95 22.45 -3.55
C THR C 83 -5.41 23.20 -2.30
N MET C 84 -6.66 22.99 -1.90
CA MET C 84 -7.21 23.56 -0.68
C MET C 84 -6.78 22.72 0.53
N ILE C 85 -6.05 23.35 1.45
CA ILE C 85 -5.59 22.68 2.67
C ILE C 85 -6.18 23.37 3.90
N ARG C 86 -6.76 22.57 4.78
CA ARG C 86 -7.29 23.05 6.05
C ARG C 86 -6.15 23.52 6.93
N LYS C 87 -6.30 24.71 7.51
CA LYS C 87 -5.29 25.29 8.39
C LYS C 87 -5.05 24.40 9.61
N ALA C 88 -3.80 24.35 10.05
CA ALA C 88 -3.44 23.60 11.24
C ALA C 88 -4.00 24.23 12.51
N ILE C 89 -4.43 23.39 13.44
CA ILE C 89 -4.91 23.86 14.74
C ILE C 89 -4.04 23.33 15.87
N GLU C 90 -3.68 24.21 16.80
CA GLU C 90 -2.96 23.83 17.99
C GLU C 90 -3.92 23.79 19.18
N LEU C 91 -3.89 22.68 19.92
CA LEU C 91 -4.83 22.42 21.01
C LEU C 91 -4.16 22.21 22.37
N PHE C 92 -4.45 23.10 23.32
CA PHE C 92 -3.99 22.99 24.70
C PHE C 92 -4.88 22.01 25.47
N LEU C 93 -4.30 21.31 26.44
CA LEU C 93 -5.03 20.34 27.25
C LEU C 93 -5.15 20.77 28.72
N ASP C 94 -6.21 21.51 29.02
CA ASP C 94 -6.49 21.96 30.38
C ASP C 94 -7.46 21.00 31.07
N VAL C 95 -6.94 20.23 32.03
CA VAL C 95 -7.79 19.37 32.86
C VAL C 95 -7.94 19.98 34.26
N ASP C 96 -9.19 20.28 34.62
CA ASP C 96 -9.53 20.95 35.88
C ASP C 96 -10.26 20.02 36.84
N ASP C 97 -10.34 20.44 38.11
CA ASP C 97 -11.01 19.64 39.13
C ASP C 97 -12.14 20.39 39.85
N GLU C 98 -13.38 20.05 39.50
CA GLU C 98 -13.67 19.02 38.51
C GLU C 98 -14.95 19.31 37.71
N LEU C 99 -14.86 19.10 36.40
CA LEU C 99 -16.04 19.06 35.54
C LEU C 99 -16.63 17.66 35.64
N PRO C 100 -17.90 17.47 35.24
CA PRO C 100 -18.45 16.11 35.23
C PRO C 100 -17.52 15.17 34.47
N CYS C 101 -17.23 14.00 35.05
CA CYS C 101 -16.28 13.06 34.45
C CYS C 101 -16.73 12.63 33.06
N ASN C 102 -15.76 12.27 32.21
CA ASN C 102 -16.01 11.96 30.79
C ASN C 102 -16.26 13.22 29.97
N THR C 103 -15.68 14.34 30.42
CA THR C 103 -15.76 15.61 29.70
C THR C 103 -14.60 15.77 28.73
N CYS C 104 -14.94 16.04 27.47
CA CYS C 104 -13.98 16.46 26.46
C CYS C 104 -14.67 17.45 25.53
N SER C 105 -14.65 18.73 25.91
CA SER C 105 -15.29 19.77 25.12
C SER C 105 -14.26 20.53 24.29
N LEU C 106 -14.38 20.37 22.97
CA LEU C 106 -13.51 21.05 22.01
C LEU C 106 -13.95 22.51 21.83
N PRO C 107 -12.97 23.42 21.72
CA PRO C 107 -13.28 24.85 21.59
C PRO C 107 -13.82 25.22 20.21
N ASP C 108 -14.71 26.21 20.17
CA ASP C 108 -15.24 26.74 18.91
C ASP C 108 -14.19 27.61 18.23
N VAL C 109 -13.65 27.12 17.12
CA VAL C 109 -12.60 27.84 16.39
C VAL C 109 -12.90 27.89 14.90
N GLU C 110 -12.89 29.10 14.35
CA GLU C 110 -13.09 29.32 12.92
C GLU C 110 -11.82 29.01 12.14
N VAL C 111 -11.69 27.76 11.69
CA VAL C 111 -10.51 27.31 10.95
C VAL C 111 -10.76 27.35 9.43
N PRO C 112 -10.02 28.20 8.71
CA PRO C 112 -10.28 28.43 7.29
C PRO C 112 -9.58 27.45 6.34
N LEU C 113 -10.07 27.39 5.10
CA LEU C 113 -9.40 26.65 4.03
C LEU C 113 -8.45 27.59 3.29
N ILE C 114 -7.17 27.26 3.33
CA ILE C 114 -6.14 28.06 2.65
C ILE C 114 -5.43 27.29 1.55
N LYS C 115 -4.73 28.02 0.67
CA LYS C 115 -3.97 27.41 -0.43
C LYS C 115 -2.78 26.59 0.08
N SER D 2 -3.67 0.86 -5.63
CA SER D 2 -4.85 1.16 -4.76
C SER D 2 -5.29 -0.03 -3.90
N MET D 3 -5.07 -1.26 -4.36
CA MET D 3 -5.30 -2.45 -3.53
C MET D 3 -4.07 -2.70 -2.66
N SER D 4 -4.32 -3.08 -1.40
CA SER D 4 -3.25 -3.47 -0.46
C SER D 4 -2.55 -4.74 -0.94
N SER D 5 -1.26 -4.86 -0.64
CA SER D 5 -0.49 -6.04 -1.01
C SER D 5 -1.18 -7.34 -0.58
N LEU D 6 -1.91 -7.28 0.53
CA LEU D 6 -2.68 -8.41 1.04
C LEU D 6 -3.91 -8.70 0.17
N CYS D 7 -4.61 -7.66 -0.27
CA CYS D 7 -5.77 -7.80 -1.14
C CYS D 7 -5.40 -8.52 -2.44
N LEU D 8 -4.27 -8.14 -3.03
CA LEU D 8 -3.78 -8.77 -4.25
C LEU D 8 -3.46 -10.25 -4.05
N GLN D 9 -2.86 -10.54 -2.90
CA GLN D 9 -2.47 -11.90 -2.54
C GLN D 9 -3.70 -12.77 -2.33
N ARG D 10 -4.65 -12.26 -1.55
CA ARG D 10 -5.83 -13.02 -1.18
C ARG D 10 -6.75 -13.25 -2.37
N LEU D 11 -6.83 -12.26 -3.27
CA LEU D 11 -7.64 -12.39 -4.49
C LEU D 11 -7.07 -13.41 -5.47
N GLN D 12 -5.75 -13.46 -5.57
CA GLN D 12 -5.09 -14.48 -6.40
C GLN D 12 -5.26 -15.87 -5.79
N GLU D 13 -5.19 -15.96 -4.47
CA GLU D 13 -5.44 -17.22 -3.76
C GLU D 13 -6.89 -17.68 -3.94
N GLU D 14 -7.82 -16.73 -3.93
CA GLU D 14 -9.24 -17.03 -4.18
C GLU D 14 -9.46 -17.63 -5.56
N ARG D 15 -8.84 -17.02 -6.57
CA ARG D 15 -8.96 -17.51 -7.95
C ARG D 15 -8.44 -18.94 -8.07
N LYS D 16 -7.34 -19.24 -7.39
CA LYS D 16 -6.76 -20.57 -7.40
C LYS D 16 -7.65 -21.57 -6.66
N LYS D 17 -8.17 -21.15 -5.51
CA LYS D 17 -9.03 -21.99 -4.68
C LYS D 17 -10.28 -22.41 -5.45
N TRP D 18 -10.92 -21.42 -6.07
CA TRP D 18 -12.11 -21.63 -6.90
C TRP D 18 -11.84 -22.66 -8.01
N ARG D 19 -10.68 -22.56 -8.64
CA ARG D 19 -10.23 -23.47 -9.69
C ARG D 19 -10.32 -24.93 -9.27
N LYS D 20 -9.70 -25.24 -8.13
CA LYS D 20 -9.67 -26.58 -7.57
C LYS D 20 -11.05 -27.02 -7.06
N ASP D 21 -11.69 -26.15 -6.28
CA ASP D 21 -12.88 -26.51 -5.53
C ASP D 21 -14.01 -25.51 -5.73
N HIS D 22 -14.85 -25.75 -6.74
CA HIS D 22 -16.03 -24.93 -6.97
C HIS D 22 -17.27 -25.81 -7.21
N PRO D 23 -18.43 -25.39 -6.69
CA PRO D 23 -19.61 -26.26 -6.73
C PRO D 23 -20.15 -26.45 -8.15
N PHE D 24 -20.64 -27.64 -8.43
CA PHE D 24 -21.16 -28.02 -9.75
C PHE D 24 -22.19 -27.04 -10.27
N GLY D 25 -21.97 -26.56 -11.49
CA GLY D 25 -22.91 -25.66 -12.15
C GLY D 25 -22.62 -24.19 -11.97
N PHE D 26 -21.80 -23.85 -10.97
CA PHE D 26 -21.42 -22.46 -10.73
C PHE D 26 -20.21 -22.11 -11.60
N TYR D 27 -20.11 -20.86 -12.01
CA TYR D 27 -18.91 -20.35 -12.66
C TYR D 27 -18.59 -18.99 -12.08
N ALA D 28 -17.31 -18.71 -11.86
CA ALA D 28 -16.86 -17.38 -11.46
C ALA D 28 -15.55 -17.07 -12.16
N LYS D 29 -15.46 -15.87 -12.72
CA LYS D 29 -14.31 -15.47 -13.53
C LYS D 29 -14.08 -13.96 -13.40
N PRO D 30 -12.81 -13.55 -13.25
CA PRO D 30 -12.53 -12.12 -13.36
C PRO D 30 -12.94 -11.57 -14.72
N VAL D 31 -13.44 -10.34 -14.71
CA VAL D 31 -13.81 -9.61 -15.93
C VAL D 31 -12.57 -9.26 -16.75
N LYS D 32 -12.72 -9.21 -18.08
CA LYS D 32 -11.63 -8.77 -18.95
C LYS D 32 -11.74 -7.29 -19.26
N LYS D 33 -10.59 -6.66 -19.51
CA LYS D 33 -10.53 -5.23 -19.75
C LYS D 33 -10.35 -4.91 -21.23
N ALA D 34 -10.36 -3.62 -21.55
CA ALA D 34 -10.19 -3.15 -22.93
C ALA D 34 -8.83 -3.54 -23.53
N ASP D 35 -7.82 -3.70 -22.68
CA ASP D 35 -6.48 -4.06 -23.16
C ASP D 35 -6.28 -5.58 -23.31
N GLY D 36 -7.24 -6.35 -22.82
CA GLY D 36 -7.20 -7.81 -22.92
C GLY D 36 -6.88 -8.53 -21.62
N SER D 37 -6.43 -7.78 -20.61
CA SER D 37 -6.05 -8.33 -19.32
C SER D 37 -7.23 -8.44 -18.36
N MET D 38 -7.04 -9.16 -17.26
CA MET D 38 -8.10 -9.39 -16.30
C MET D 38 -8.08 -8.40 -15.14
N ASP D 39 -9.26 -8.06 -14.65
CA ASP D 39 -9.43 -7.19 -13.49
C ASP D 39 -9.84 -8.04 -12.30
N LEU D 40 -8.90 -8.23 -11.37
CA LEU D 40 -9.09 -9.09 -10.20
C LEU D 40 -10.14 -8.57 -9.21
N GLN D 41 -10.42 -7.28 -9.28
CA GLN D 41 -11.39 -6.67 -8.39
C GLN D 41 -12.86 -6.82 -8.79
N LYS D 42 -13.10 -7.21 -10.04
CA LYS D 42 -14.45 -7.37 -10.54
C LYS D 42 -14.61 -8.73 -11.22
N TRP D 43 -15.47 -9.57 -10.64
CA TRP D 43 -15.70 -10.91 -11.17
C TRP D 43 -17.14 -11.05 -11.67
N GLU D 44 -17.32 -11.86 -12.71
CA GLU D 44 -18.64 -12.28 -13.15
C GLU D 44 -18.85 -13.72 -12.73
N ALA D 45 -20.04 -14.00 -12.22
CA ALA D 45 -20.36 -15.33 -11.73
C ALA D 45 -21.80 -15.73 -12.07
N GLY D 46 -22.10 -17.01 -11.95
CA GLY D 46 -23.44 -17.52 -12.27
C GLY D 46 -23.96 -18.47 -11.21
N ILE D 47 -25.16 -18.20 -10.72
CA ILE D 47 -25.80 -19.04 -9.71
C ILE D 47 -26.92 -19.86 -10.37
N PRO D 48 -26.79 -21.20 -10.35
CA PRO D 48 -27.89 -22.02 -10.83
C PRO D 48 -28.96 -22.23 -9.77
N GLY D 49 -30.23 -22.12 -10.17
CA GLY D 49 -31.34 -22.43 -9.28
C GLY D 49 -31.31 -23.90 -8.90
N LYS D 50 -31.79 -24.22 -7.70
CA LYS D 50 -31.82 -25.61 -7.22
C LYS D 50 -32.90 -26.40 -7.94
N GLU D 51 -32.67 -27.70 -8.11
CA GLU D 51 -33.66 -28.59 -8.72
C GLU D 51 -34.81 -28.86 -7.76
N GLY D 52 -36.00 -29.13 -8.32
CA GLY D 52 -37.23 -29.28 -7.52
C GLY D 52 -37.71 -27.97 -6.91
N THR D 53 -37.29 -26.86 -7.51
CA THR D 53 -37.57 -25.52 -7.03
C THR D 53 -38.07 -24.70 -8.21
N ASN D 54 -38.92 -23.70 -7.96
CA ASN D 54 -39.39 -22.80 -9.01
C ASN D 54 -38.27 -22.04 -9.74
N TRP D 55 -37.06 -22.09 -9.18
CA TRP D 55 -35.89 -21.44 -9.76
C TRP D 55 -35.06 -22.42 -10.60
N ALA D 56 -35.47 -23.69 -10.63
CA ALA D 56 -34.75 -24.74 -11.36
C ALA D 56 -34.57 -24.41 -12.84
N GLY D 57 -33.43 -24.81 -13.39
CA GLY D 57 -33.17 -24.70 -14.82
C GLY D 57 -32.73 -23.33 -15.29
N GLY D 58 -32.44 -22.45 -14.34
CA GLY D 58 -32.00 -21.09 -14.64
C GLY D 58 -30.65 -20.80 -14.02
N VAL D 59 -29.85 -19.99 -14.71
CA VAL D 59 -28.51 -19.61 -14.24
C VAL D 59 -28.47 -18.10 -14.08
N TYR D 60 -28.34 -17.66 -12.84
CA TYR D 60 -28.55 -16.26 -12.50
C TYR D 60 -27.23 -15.50 -12.32
N PRO D 61 -27.01 -14.48 -13.17
CA PRO D 61 -25.75 -13.75 -13.22
C PRO D 61 -25.56 -12.76 -12.07
N ILE D 62 -24.41 -12.85 -11.40
CA ILE D 62 -24.02 -11.88 -10.38
C ILE D 62 -22.70 -11.23 -10.72
N THR D 63 -22.46 -10.03 -10.18
CA THR D 63 -21.15 -9.43 -10.23
C THR D 63 -20.61 -9.39 -8.81
N VAL D 64 -19.32 -9.70 -8.65
CA VAL D 64 -18.67 -9.63 -7.35
C VAL D 64 -17.58 -8.56 -7.39
N GLU D 65 -17.78 -7.46 -6.66
CA GLU D 65 -16.80 -6.38 -6.63
C GLU D 65 -16.08 -6.31 -5.29
N TYR D 66 -14.75 -6.44 -5.35
CA TYR D 66 -13.92 -6.47 -4.16
C TYR D 66 -13.36 -5.10 -3.83
N PRO D 67 -13.56 -4.63 -2.58
CA PRO D 67 -13.03 -3.32 -2.20
C PRO D 67 -11.51 -3.38 -2.01
N ASN D 68 -10.87 -2.23 -2.08
CA ASN D 68 -9.41 -2.13 -1.91
C ASN D 68 -8.92 -2.66 -0.57
N GLU D 69 -9.83 -2.74 0.41
CA GLU D 69 -9.51 -3.13 1.78
C GLU D 69 -9.84 -4.59 2.10
N TYR D 70 -10.42 -5.30 1.12
CA TYR D 70 -10.62 -6.74 1.20
C TYR D 70 -9.29 -7.39 1.60
N PRO D 71 -9.32 -8.38 2.52
CA PRO D 71 -10.48 -9.07 3.07
C PRO D 71 -11.07 -8.48 4.35
N SER D 72 -10.60 -7.30 4.77
CA SER D 72 -11.19 -6.61 5.93
C SER D 72 -12.67 -6.30 5.70
N LYS D 73 -12.99 -5.81 4.51
CA LYS D 73 -14.36 -5.52 4.11
C LYS D 73 -14.86 -6.59 3.15
N PRO D 74 -16.19 -6.87 3.16
CA PRO D 74 -16.77 -7.88 2.26
C PRO D 74 -16.83 -7.40 0.81
N PRO D 75 -16.99 -8.34 -0.14
CA PRO D 75 -17.30 -7.92 -1.51
C PRO D 75 -18.76 -7.45 -1.64
N LYS D 76 -19.04 -6.72 -2.71
CA LYS D 76 -20.40 -6.34 -3.06
C LYS D 76 -20.88 -7.29 -4.15
N VAL D 77 -22.01 -7.94 -3.88
CA VAL D 77 -22.54 -8.93 -4.82
C VAL D 77 -23.90 -8.45 -5.31
N LYS D 78 -24.06 -8.40 -6.63
CA LYS D 78 -25.28 -7.85 -7.23
C LYS D 78 -25.83 -8.70 -8.37
N PHE D 79 -27.14 -8.99 -8.30
CA PHE D 79 -27.89 -9.42 -9.46
C PHE D 79 -28.07 -8.23 -10.42
N PRO D 80 -28.65 -8.45 -11.62
CA PRO D 80 -28.98 -7.33 -12.49
C PRO D 80 -30.00 -6.41 -11.83
N ALA D 81 -29.96 -5.12 -12.16
CA ALA D 81 -30.94 -4.16 -11.64
C ALA D 81 -32.33 -4.55 -12.15
N GLY D 82 -33.27 -4.69 -11.21
CA GLY D 82 -34.63 -5.10 -11.53
C GLY D 82 -34.88 -6.58 -11.28
N PHE D 83 -33.84 -7.29 -10.86
CA PHE D 83 -33.94 -8.71 -10.51
C PHE D 83 -34.98 -8.89 -9.41
N TYR D 84 -35.80 -9.93 -9.54
CA TYR D 84 -36.98 -10.10 -8.73
C TYR D 84 -36.76 -11.08 -7.58
N HIS D 85 -36.65 -10.54 -6.38
CA HIS D 85 -36.48 -11.33 -5.16
C HIS D 85 -36.68 -10.42 -3.96
N PRO D 86 -37.34 -10.90 -2.89
CA PRO D 86 -37.65 -10.05 -1.74
C PRO D 86 -36.41 -9.44 -1.05
N ASN D 87 -35.26 -10.10 -1.18
CA ASN D 87 -34.03 -9.69 -0.52
C ASN D 87 -33.01 -9.03 -1.45
N VAL D 88 -33.44 -8.75 -2.67
CA VAL D 88 -32.60 -8.03 -3.62
C VAL D 88 -33.14 -6.62 -3.78
N TYR D 89 -32.29 -5.63 -3.52
CA TYR D 89 -32.61 -4.22 -3.72
C TYR D 89 -32.95 -3.94 -5.19
N PRO D 90 -33.67 -2.83 -5.46
CA PRO D 90 -33.94 -2.40 -6.83
C PRO D 90 -32.66 -2.26 -7.67
N SER D 91 -31.55 -1.95 -7.01
CA SER D 91 -30.26 -1.77 -7.67
C SER D 91 -29.61 -3.09 -8.07
N GLY D 92 -30.06 -4.18 -7.46
CA GLY D 92 -29.49 -5.49 -7.71
C GLY D 92 -28.69 -6.05 -6.55
N THR D 93 -28.26 -5.16 -5.64
CA THR D 93 -27.49 -5.55 -4.45
C THR D 93 -28.22 -6.61 -3.63
N ILE D 94 -27.53 -7.72 -3.39
CA ILE D 94 -28.04 -8.82 -2.58
C ILE D 94 -27.84 -8.55 -1.10
N CYS D 95 -28.91 -8.70 -0.33
CA CYS D 95 -28.85 -8.59 1.13
C CYS D 95 -28.59 -9.95 1.75
N LEU D 96 -27.36 -10.16 2.23
CA LEU D 96 -27.00 -11.37 2.96
C LEU D 96 -26.15 -11.01 4.17
N SER D 97 -26.50 -11.62 5.29
CA SER D 97 -25.81 -11.37 6.55
C SER D 97 -24.29 -11.54 6.44
N ILE D 98 -23.85 -12.55 5.69
CA ILE D 98 -22.41 -12.81 5.51
C ILE D 98 -21.70 -11.76 4.67
N LEU D 99 -22.47 -10.96 3.94
CA LEU D 99 -21.91 -9.83 3.18
C LEU D 99 -22.02 -8.52 3.94
N ASN D 100 -22.50 -8.59 5.18
CA ASN D 100 -22.60 -7.42 6.05
C ASN D 100 -21.48 -7.37 7.08
N GLU D 101 -20.63 -6.35 6.93
CA GLU D 101 -19.43 -6.17 7.75
C GLU D 101 -19.72 -5.99 9.24
N ASP D 102 -20.88 -5.42 9.56
CA ASP D 102 -21.30 -5.24 10.96
C ASP D 102 -22.07 -6.46 11.48
N GLN D 103 -22.07 -7.55 10.71
CA GLN D 103 -22.89 -8.72 11.05
C GLN D 103 -22.15 -10.05 11.05
N ASP D 104 -22.15 -10.74 9.91
CA ASP D 104 -21.61 -12.10 9.81
C ASP D 104 -20.37 -12.23 8.93
N TRP D 105 -19.94 -11.14 8.31
CA TRP D 105 -18.70 -11.14 7.53
C TRP D 105 -17.47 -11.39 8.41
N ARG D 106 -16.65 -12.33 7.96
CA ARG D 106 -15.32 -12.56 8.53
C ARG D 106 -14.36 -12.72 7.34
N PRO D 107 -13.13 -12.21 7.44
CA PRO D 107 -12.20 -12.26 6.31
C PRO D 107 -11.97 -13.66 5.73
N ALA D 108 -12.17 -14.70 6.55
CA ALA D 108 -11.92 -16.08 6.14
C ALA D 108 -12.93 -16.68 5.14
N ILE D 109 -14.09 -16.02 4.99
CA ILE D 109 -15.14 -16.44 4.05
C ILE D 109 -14.59 -16.52 2.62
N THR D 110 -14.83 -17.66 1.95
CA THR D 110 -14.38 -17.89 0.58
C THR D 110 -15.48 -17.54 -0.42
N LEU D 111 -15.14 -17.56 -1.71
CA LEU D 111 -16.12 -17.30 -2.76
C LEU D 111 -17.20 -18.39 -2.77
N LYS D 112 -16.77 -19.64 -2.57
CA LYS D 112 -17.67 -20.78 -2.52
C LYS D 112 -18.77 -20.54 -1.49
N GLN D 113 -18.36 -20.23 -0.27
CA GLN D 113 -19.26 -19.92 0.82
C GLN D 113 -20.28 -18.83 0.42
N ILE D 114 -19.79 -17.79 -0.27
CA ILE D 114 -20.65 -16.70 -0.73
C ILE D 114 -21.68 -17.12 -1.77
N VAL D 115 -21.25 -17.86 -2.79
CA VAL D 115 -22.17 -18.28 -3.85
C VAL D 115 -23.19 -19.33 -3.38
N LEU D 116 -22.76 -20.21 -2.47
CA LEU D 116 -23.67 -21.17 -1.86
C LEU D 116 -24.73 -20.46 -1.00
N GLY D 117 -24.31 -19.41 -0.30
CA GLY D 117 -25.20 -18.60 0.52
C GLY D 117 -26.26 -17.86 -0.30
N VAL D 118 -25.83 -17.29 -1.43
CA VAL D 118 -26.74 -16.63 -2.37
C VAL D 118 -27.75 -17.63 -2.94
N GLN D 119 -27.28 -18.83 -3.25
CA GLN D 119 -28.13 -19.90 -3.78
C GLN D 119 -29.20 -20.31 -2.79
N ASP D 120 -28.80 -20.45 -1.52
CA ASP D 120 -29.72 -20.77 -0.42
C ASP D 120 -30.82 -19.74 -0.25
N LEU D 121 -30.50 -18.50 -0.60
CA LEU D 121 -31.41 -17.37 -0.45
C LEU D 121 -32.52 -17.38 -1.50
N LEU D 122 -32.19 -17.85 -2.70
CA LEU D 122 -33.11 -17.85 -3.85
C LEU D 122 -34.54 -18.32 -3.55
N ASP D 123 -34.65 -19.51 -2.95
CA ASP D 123 -35.94 -20.15 -2.69
C ASP D 123 -36.33 -20.08 -1.21
N SER D 124 -35.49 -19.43 -0.40
CA SER D 124 -35.78 -19.21 1.03
C SER D 124 -35.55 -17.76 1.44
N PRO D 125 -36.39 -16.82 0.95
CA PRO D 125 -36.26 -15.40 1.31
C PRO D 125 -36.25 -15.14 2.83
N ASN D 126 -35.41 -14.20 3.25
CA ASN D 126 -35.22 -13.88 4.67
C ASN D 126 -36.04 -12.67 5.12
N PRO D 127 -37.02 -12.88 6.02
CA PRO D 127 -37.93 -11.84 6.53
C PRO D 127 -37.25 -10.67 7.24
N ASN D 128 -36.10 -10.90 7.85
CA ASN D 128 -35.33 -9.83 8.49
C ASN D 128 -34.52 -9.03 7.47
N SER D 129 -34.94 -9.09 6.20
CA SER D 129 -34.31 -8.35 5.12
C SER D 129 -35.28 -8.03 3.97
N PRO D 130 -36.37 -7.30 4.27
CA PRO D 130 -37.22 -6.91 3.13
C PRO D 130 -36.60 -5.73 2.37
N ALA D 131 -36.05 -6.01 1.19
CA ALA D 131 -35.30 -5.03 0.40
C ALA D 131 -36.02 -4.60 -0.89
N GLN D 132 -37.00 -5.41 -1.30
CA GLN D 132 -37.77 -5.13 -2.51
C GLN D 132 -39.26 -5.20 -2.14
N GLU D 133 -39.88 -4.03 -2.01
CA GLU D 133 -41.26 -3.94 -1.55
C GLU D 133 -42.27 -4.76 -2.39
N PRO D 134 -42.31 -4.54 -3.73
CA PRO D 134 -43.28 -5.25 -4.57
C PRO D 134 -43.12 -6.77 -4.53
N ALA D 135 -41.87 -7.24 -4.47
CA ALA D 135 -41.59 -8.68 -4.38
C ALA D 135 -41.94 -9.28 -3.01
N TRP D 136 -41.79 -8.48 -1.95
CA TRP D 136 -42.16 -8.91 -0.59
C TRP D 136 -43.67 -8.99 -0.43
N ARG D 137 -44.39 -8.04 -1.05
CA ARG D 137 -45.85 -8.02 -1.06
C ARG D 137 -46.42 -9.33 -1.62
N SER D 138 -46.00 -9.66 -2.84
CA SER D 138 -46.46 -10.86 -3.55
C SER D 138 -46.09 -12.15 -2.82
N PHE D 139 -44.90 -12.17 -2.23
CA PHE D 139 -44.45 -13.32 -1.45
C PHE D 139 -45.37 -13.60 -0.25
N SER D 140 -45.82 -12.54 0.42
CA SER D 140 -46.54 -12.66 1.69
C SER D 140 -48.06 -12.78 1.56
N ARG D 141 -48.63 -12.24 0.49
CA ARG D 141 -50.09 -12.18 0.35
C ARG D 141 -50.64 -12.52 -1.04
N ASN D 142 -49.79 -13.08 -1.89
CA ASN D 142 -50.18 -13.48 -3.26
C ASN D 142 -49.37 -14.61 -3.89
N LYS D 143 -48.94 -15.54 -3.05
CA LYS D 143 -47.88 -16.53 -3.32
C LYS D 143 -47.95 -17.18 -4.70
N ALA D 144 -49.14 -17.22 -5.30
CA ALA D 144 -49.33 -17.77 -6.64
C ALA D 144 -48.86 -16.80 -7.73
N GLU D 145 -49.05 -15.50 -7.51
CA GLU D 145 -48.52 -14.47 -8.40
C GLU D 145 -47.00 -14.37 -8.28
N TYR D 146 -46.50 -14.57 -7.05
CA TYR D 146 -45.06 -14.60 -6.79
C TYR D 146 -44.40 -15.75 -7.55
N ASP D 147 -44.91 -16.95 -7.37
CA ASP D 147 -44.40 -18.14 -8.05
C ASP D 147 -44.43 -17.98 -9.57
N LYS D 148 -45.44 -17.27 -10.06
CA LYS D 148 -45.61 -17.01 -11.50
C LYS D 148 -44.47 -16.18 -12.09
N LYS D 149 -44.09 -15.12 -11.38
CA LYS D 149 -42.99 -14.22 -11.80
C LYS D 149 -41.63 -14.89 -11.69
N VAL D 150 -41.49 -15.76 -10.70
CA VAL D 150 -40.28 -16.57 -10.52
C VAL D 150 -40.08 -17.51 -11.72
N LEU D 151 -41.18 -18.11 -12.20
CA LEU D 151 -41.17 -18.96 -13.39
C LEU D 151 -40.81 -18.19 -14.66
N LEU D 152 -41.35 -16.99 -14.82
CA LEU D 152 -40.98 -16.10 -15.93
C LEU D 152 -39.50 -15.71 -15.91
N GLN D 153 -38.96 -15.46 -14.71
CA GLN D 153 -37.55 -15.08 -14.54
C GLN D 153 -36.58 -16.24 -14.78
N ALA D 154 -36.98 -17.44 -14.36
CA ALA D 154 -36.21 -18.65 -14.61
C ALA D 154 -36.10 -18.96 -16.11
N LYS D 155 -37.17 -18.65 -16.84
CA LYS D 155 -37.19 -18.79 -18.30
C LYS D 155 -36.36 -17.69 -18.97
N GLN D 156 -36.30 -16.52 -18.34
CA GLN D 156 -35.49 -15.40 -18.82
C GLN D 156 -33.99 -15.71 -18.71
N TYR D 157 -33.62 -16.53 -17.74
CA TYR D 157 -32.22 -16.87 -17.48
C TYR D 157 -31.92 -18.36 -17.62
N SER D 158 -32.57 -19.00 -18.61
CA SER D 158 -32.35 -20.43 -18.89
C SER D 158 -30.89 -20.71 -19.27
#